data_5FES
#
_entry.id   5FES
#
_cell.length_a   51.070
_cell.length_b   79.100
_cell.length_c   86.260
_cell.angle_alpha   90.00
_cell.angle_beta   90.00
_cell.angle_gamma   90.00
#
_symmetry.space_group_name_H-M   'P 21 21 21'
#
loop_
_entity.id
_entity.type
_entity.pdbx_description
1 polymer '[FeFe] hydrogenase maturase subunit HydE'
2 non-polymer 'IRON/SULFUR CLUSTER'
3 non-polymer 3-[(3-CHOLAMIDOPROPYL)DIMETHYLAMMONIO]-1-PROPANESULFONATE
4 non-polymer 'CHLORIDE ION'
5 non-polymer S-ADENOSYLMETHIONINE
6 non-polymer '(2~{R},4~{R})-2-methyl-1,3-selenazolidine-2,4-dicarboxylic acid'
7 water water
#
_entity_poly.entity_id   1
_entity_poly.type   'polypeptide(L)'
_entity_poly.pdbx_seq_one_letter_code
;MWSHPQFEKASTGREILEKLERREFTREVLKEALSINDRGFNEALFKLADEIRRKYVGDEVHIRAIIEFSNVCRKNCLYC
GLRRDNKNLKRYRMTPEEIVERARLAVQFGAKTIVLQSGEDPY(OTY)MPDVISDIVKEIKKMGVAVTLSLGEWPREYYE
KWKEAGADRYLLRHETANPVLHRKLRPDTSFENRLNCLLTLKELGYETGAGSMVGLPGQTIDDLVDDLLFLKEHDFDMVG
IGPFIPHPDTPLANEKKGDFTLTLKMVALTRILLPDSNIPATTAMGTIVPGGREITLRCGANVIMPNWTPSPYRQLYQLY
PGKISVFEKDTASIPSVMKMIELLGRKPGRDWGGRKRVFETV
;
_entity_poly.pdbx_strand_id   A
#
# COMPACT_ATOMS: atom_id res chain seq x y z
N THR A 12 4.30 -17.73 26.76
CA THR A 12 4.48 -16.53 27.33
C THR A 12 4.95 -15.51 26.18
N GLY A 13 4.61 -14.28 26.42
CA GLY A 13 4.93 -13.28 25.43
C GLY A 13 6.43 -13.14 25.34
N ARG A 14 7.16 -13.28 26.49
CA ARG A 14 8.57 -13.14 26.44
C ARG A 14 9.20 -14.18 25.51
N GLU A 15 8.74 -15.45 25.59
CA GLU A 15 9.28 -16.46 24.74
C GLU A 15 8.99 -16.24 23.25
N ILE A 16 7.82 -15.72 22.94
CA ILE A 16 7.51 -15.38 21.51
C ILE A 16 8.40 -14.27 20.97
N LEU A 17 8.65 -13.26 21.83
CA LEU A 17 9.57 -12.18 21.42
C LEU A 17 10.93 -12.67 21.20
N GLU A 18 11.32 -13.62 22.08
CA GLU A 18 12.65 -14.18 21.93
C GLU A 18 12.79 -14.98 20.64
N LYS A 19 11.76 -15.72 20.31
CA LYS A 19 11.76 -16.44 19.07
C LYS A 19 11.74 -15.54 17.84
N LEU A 20 10.97 -14.44 17.88
CA LEU A 20 11.05 -13.43 16.78
C LEU A 20 12.41 -12.84 16.68
N GLU A 21 13.04 -12.50 17.82
CA GLU A 21 14.42 -11.96 17.80
C GLU A 21 15.41 -12.88 17.19
N ARG A 22 15.24 -14.16 17.38
CA ARG A 22 16.16 -15.20 16.83
C ARG A 22 15.73 -15.66 15.46
N ARG A 23 14.74 -15.03 14.85
CA ARG A 23 14.22 -15.41 13.54
C ARG A 23 13.66 -16.82 13.37
N GLU A 24 12.94 -17.30 14.40
CA GLU A 24 12.25 -18.57 14.34
C GLU A 24 10.81 -18.33 13.93
N PHE A 25 10.62 -18.12 12.65
CA PHE A 25 9.36 -17.70 12.08
C PHE A 25 8.48 -18.83 11.70
N THR A 26 8.07 -19.57 12.66
CA THR A 26 7.17 -20.65 12.40
C THR A 26 5.76 -20.14 12.35
N ARG A 27 4.88 -20.92 11.77
CA ARG A 27 3.50 -20.68 11.85
C ARG A 27 3.00 -20.48 13.32
N GLU A 28 3.37 -21.36 14.27
CA GLU A 28 2.86 -21.26 15.59
C GLU A 28 3.36 -19.97 16.32
N VAL A 29 4.58 -19.54 16.02
CA VAL A 29 5.10 -18.29 16.65
C VAL A 29 4.30 -17.05 16.16
N LEU A 30 4.04 -17.03 14.84
CA LEU A 30 3.22 -15.95 14.26
C LEU A 30 1.81 -15.96 14.76
N LYS A 31 1.17 -17.17 14.86
CA LYS A 31 -0.18 -17.25 15.36
C LYS A 31 -0.28 -16.72 16.80
N GLU A 32 0.73 -17.17 17.59
CA GLU A 32 0.71 -16.80 19.01
C GLU A 32 0.94 -15.25 19.16
N ALA A 33 1.85 -14.68 18.34
CA ALA A 33 2.01 -13.24 18.34
C ALA A 33 0.76 -12.45 18.03
N LEU A 34 -0.04 -12.96 17.03
CA LEU A 34 -1.26 -12.32 16.65
C LEU A 34 -2.40 -12.61 17.60
N SER A 35 -2.28 -13.66 18.40
CA SER A 35 -3.36 -14.03 19.32
C SER A 35 -3.26 -13.43 20.76
N ILE A 36 -2.09 -13.11 21.17
CA ILE A 36 -1.80 -12.50 22.49
C ILE A 36 -2.25 -11.07 22.48
N ASN A 37 -3.10 -10.71 23.45
CA ASN A 37 -3.64 -9.39 23.53
C ASN A 37 -3.08 -8.55 24.64
N ASP A 38 -2.10 -9.00 25.31
CA ASP A 38 -1.51 -8.33 26.42
C ASP A 38 -0.84 -7.04 25.98
N ARG A 39 -1.05 -5.96 26.69
CA ARG A 39 -0.52 -4.68 26.34
C ARG A 39 1.01 -4.68 26.43
N GLY A 40 1.60 -5.25 27.45
CA GLY A 40 3.03 -5.37 27.51
C GLY A 40 3.66 -6.05 26.32
N PHE A 41 3.11 -7.17 25.94
CA PHE A 41 3.57 -7.92 24.80
C PHE A 41 3.44 -7.04 23.53
N ASN A 42 2.30 -6.48 23.30
CA ASN A 42 2.11 -5.68 22.11
C ASN A 42 3.10 -4.56 22.04
N GLU A 43 3.34 -3.86 23.13
CA GLU A 43 4.27 -2.75 23.12
C GLU A 43 5.67 -3.20 22.82
N ALA A 44 6.10 -4.33 23.37
CA ALA A 44 7.39 -4.89 23.10
C ALA A 44 7.54 -5.30 21.67
N LEU A 45 6.49 -5.88 21.09
CA LEU A 45 6.49 -6.23 19.69
C LEU A 45 6.68 -4.97 18.79
N PHE A 46 5.95 -3.91 19.13
CA PHE A 46 6.06 -2.67 18.35
C PHE A 46 7.49 -2.06 18.51
N LYS A 47 8.05 -2.11 19.68
CA LYS A 47 9.41 -1.64 19.90
C LYS A 47 10.39 -2.46 19.09
N LEU A 48 10.23 -3.76 19.05
CA LEU A 48 11.12 -4.61 18.26
C LEU A 48 11.03 -4.21 16.81
N ALA A 49 9.83 -4.08 16.29
CA ALA A 49 9.68 -3.70 14.84
C ALA A 49 10.29 -2.33 14.58
N ASP A 50 10.07 -1.40 15.48
CA ASP A 50 10.63 -0.03 15.34
C ASP A 50 12.15 -0.07 15.28
N GLU A 51 12.75 -0.88 16.16
CA GLU A 51 14.17 -0.98 16.20
C GLU A 51 14.71 -1.67 14.98
N ILE A 52 14.07 -2.76 14.50
CA ILE A 52 14.47 -3.39 13.26
C ILE A 52 14.43 -2.45 12.09
N ARG A 53 13.33 -1.66 12.02
CA ARG A 53 13.20 -0.63 10.97
C ARG A 53 14.40 0.34 11.05
N ARG A 54 14.66 0.91 12.23
CA ARG A 54 15.78 1.82 12.33
C ARG A 54 17.07 1.19 11.90
N LYS A 55 17.35 -0.02 12.34
CA LYS A 55 18.67 -0.64 12.04
C LYS A 55 18.83 -0.95 10.55
N TYR A 56 17.76 -1.43 9.88
CA TYR A 56 17.84 -1.85 8.54
C TYR A 56 17.59 -0.80 7.49
N VAL A 57 16.60 0.08 7.70
CA VAL A 57 16.23 1.07 6.71
C VAL A 57 16.42 2.52 7.23
N GLY A 58 16.87 2.72 8.44
CA GLY A 58 17.23 4.03 8.90
C GLY A 58 16.05 4.91 9.19
N ASP A 59 16.36 6.19 9.36
CA ASP A 59 15.35 7.19 9.78
C ASP A 59 14.69 7.92 8.63
N GLU A 60 15.13 7.68 7.39
CA GLU A 60 14.48 8.34 6.25
CA GLU A 60 14.49 8.27 6.23
C GLU A 60 13.07 7.74 6.06
N VAL A 61 12.13 8.66 5.87
CA VAL A 61 10.75 8.26 5.52
C VAL A 61 10.57 8.70 4.08
N HIS A 62 10.31 7.76 3.20
CA HIS A 62 10.19 8.03 1.74
C HIS A 62 8.79 8.50 1.42
N ILE A 63 8.70 9.56 0.66
CA ILE A 63 7.46 10.19 0.26
C ILE A 63 7.12 9.73 -1.13
N ARG A 64 5.94 9.14 -1.29
CA ARG A 64 5.43 8.72 -2.62
C ARG A 64 4.18 9.51 -2.89
N ALA A 65 4.19 10.44 -3.82
CA ALA A 65 3.01 11.24 -4.09
C ALA A 65 2.04 10.49 -4.98
N ILE A 66 0.83 10.29 -4.51
N ILE A 66 0.82 10.24 -4.48
CA ILE A 66 -0.15 9.47 -5.23
CA ILE A 66 -0.20 9.46 -5.20
C ILE A 66 -1.15 10.32 -5.99
C ILE A 66 -1.15 10.33 -5.98
N ILE A 67 -1.29 10.01 -7.26
CA ILE A 67 -2.30 10.66 -8.11
C ILE A 67 -3.30 9.56 -8.49
N GLU A 68 -4.52 9.69 -7.97
CA GLU A 68 -5.63 8.73 -8.25
C GLU A 68 -6.37 9.27 -9.44
N PHE A 69 -5.94 8.87 -10.63
CA PHE A 69 -6.26 9.59 -11.86
C PHE A 69 -7.57 9.21 -12.51
N SER A 70 -8.15 8.10 -12.09
CA SER A 70 -9.48 7.67 -12.58
C SER A 70 -10.13 6.82 -11.53
N ASN A 71 -11.43 7.00 -11.29
CA ASN A 71 -12.15 6.12 -10.38
C ASN A 71 -13.09 5.18 -11.18
N VAL A 72 -12.87 5.04 -12.50
CA VAL A 72 -13.61 4.06 -13.29
C VAL A 72 -13.06 2.70 -13.00
N CYS A 73 -13.93 1.68 -12.80
CA CYS A 73 -13.47 0.33 -12.63
C CYS A 73 -14.43 -0.69 -13.28
N ARG A 74 -13.79 -1.65 -13.93
CA ARG A 74 -14.49 -2.78 -14.59
C ARG A 74 -14.76 -3.94 -13.59
N LYS A 75 -14.11 -3.99 -12.45
CA LYS A 75 -14.28 -5.05 -11.50
C LYS A 75 -15.29 -4.67 -10.43
N ASN A 76 -15.70 -5.69 -9.65
CA ASN A 76 -16.84 -5.59 -8.73
C ASN A 76 -16.48 -6.08 -7.32
N CYS A 77 -15.26 -5.85 -6.89
CA CYS A 77 -14.85 -6.32 -5.57
C CYS A 77 -15.81 -5.89 -4.49
N LEU A 78 -16.15 -6.83 -3.59
CA LEU A 78 -17.29 -6.57 -2.67
C LEU A 78 -17.05 -5.51 -1.66
N TYR A 79 -15.71 -5.30 -1.37
CA TYR A 79 -15.29 -4.33 -0.35
C TYR A 79 -15.17 -2.89 -0.80
N CYS A 80 -15.07 -2.69 -2.14
CA CYS A 80 -14.55 -1.43 -2.65
C CYS A 80 -15.63 -0.47 -3.16
N GLY A 81 -15.57 0.80 -2.74
CA GLY A 81 -16.53 1.75 -3.18
C GLY A 81 -16.47 2.07 -4.65
N LEU A 82 -15.37 1.75 -5.33
CA LEU A 82 -15.23 1.97 -6.78
C LEU A 82 -15.80 0.80 -7.61
N ARG A 83 -16.34 -0.22 -6.96
CA ARG A 83 -16.84 -1.39 -7.68
C ARG A 83 -17.84 -0.92 -8.77
N ARG A 84 -17.85 -1.76 -9.85
CA ARG A 84 -18.69 -1.31 -10.98
C ARG A 84 -20.17 -1.15 -10.72
N ASP A 85 -20.68 -1.93 -9.76
CA ASP A 85 -22.11 -1.86 -9.40
C ASP A 85 -22.49 -0.67 -8.62
N ASN A 86 -21.51 0.14 -8.13
CA ASN A 86 -21.89 1.32 -7.35
C ASN A 86 -22.27 2.46 -8.30
N LYS A 87 -23.58 2.65 -8.47
CA LYS A 87 -24.13 3.73 -9.29
C LYS A 87 -24.13 5.08 -8.53
N ASN A 88 -23.91 5.08 -7.22
CA ASN A 88 -24.01 6.34 -6.43
CA ASN A 88 -23.97 6.29 -6.35
C ASN A 88 -22.66 7.04 -6.25
N LEU A 89 -21.91 6.93 -7.30
CA LEU A 89 -20.59 7.60 -7.38
C LEU A 89 -20.37 8.27 -8.71
N LYS A 90 -19.98 9.54 -8.69
CA LYS A 90 -19.65 10.29 -9.89
C LYS A 90 -18.29 9.76 -10.35
N ARG A 91 -18.24 9.32 -11.58
CA ARG A 91 -17.02 8.81 -12.15
C ARG A 91 -16.24 9.93 -12.86
N TYR A 92 -14.90 9.85 -12.79
CA TYR A 92 -14.06 10.84 -13.43
C TYR A 92 -12.83 10.21 -14.06
N ARG A 93 -12.25 10.91 -15.02
CA ARG A 93 -10.99 10.57 -15.58
C ARG A 93 -10.21 11.81 -15.78
N MET A 94 -8.95 11.89 -15.28
CA MET A 94 -8.06 12.96 -15.62
C MET A 94 -7.50 12.80 -16.99
N THR A 95 -7.25 13.88 -17.73
CA THR A 95 -6.58 13.78 -19.01
C THR A 95 -5.10 13.50 -18.85
N PRO A 96 -4.47 12.93 -19.88
CA PRO A 96 -3.03 12.71 -19.79
C PRO A 96 -2.24 13.94 -19.46
N GLU A 97 -2.61 15.08 -20.04
CA GLU A 97 -1.94 16.32 -19.75
C GLU A 97 -2.12 16.70 -18.29
N GLU A 98 -3.31 16.58 -17.74
CA GLU A 98 -3.57 16.87 -16.36
C GLU A 98 -2.71 16.01 -15.51
N ILE A 99 -2.60 14.76 -15.80
CA ILE A 99 -1.82 13.82 -14.94
C ILE A 99 -0.36 14.18 -15.03
N VAL A 100 0.22 14.41 -16.21
CA VAL A 100 1.61 14.77 -16.29
C VAL A 100 1.90 16.08 -15.57
N GLU A 101 1.05 17.09 -15.73
CA GLU A 101 1.33 18.36 -15.13
C GLU A 101 1.17 18.30 -13.63
N ARG A 102 0.24 17.48 -13.13
CA ARG A 102 0.06 17.29 -11.70
C ARG A 102 1.28 16.54 -11.11
N ALA A 103 1.80 15.56 -11.82
CA ALA A 103 3.03 14.93 -11.44
C ALA A 103 4.20 15.95 -11.39
N ARG A 104 4.27 16.82 -12.40
CA ARG A 104 5.34 17.80 -12.40
C ARG A 104 5.22 18.69 -11.16
N LEU A 105 4.01 19.08 -10.77
CA LEU A 105 3.86 19.88 -9.57
C LEU A 105 4.35 19.16 -8.35
N ALA A 106 4.06 17.85 -8.23
CA ALA A 106 4.59 17.07 -7.10
C ALA A 106 6.10 17.03 -7.10
N VAL A 107 6.73 16.87 -8.27
CA VAL A 107 8.18 16.91 -8.33
C VAL A 107 8.73 18.29 -7.93
N GLN A 108 8.02 19.34 -8.36
CA GLN A 108 8.39 20.68 -7.90
C GLN A 108 8.33 20.82 -6.40
N PHE A 109 7.38 20.12 -5.74
CA PHE A 109 7.19 20.11 -4.29
C PHE A 109 8.15 19.16 -3.56
N GLY A 110 8.99 18.45 -4.29
CA GLY A 110 10.00 17.58 -3.66
C GLY A 110 9.66 16.08 -3.69
N ALA A 111 8.60 15.65 -4.33
CA ALA A 111 8.36 14.19 -4.42
C ALA A 111 9.41 13.61 -5.30
N LYS A 112 9.93 12.42 -4.79
CA LYS A 112 10.94 11.67 -5.61
CA LYS A 112 10.96 11.59 -5.47
C LYS A 112 10.45 10.31 -6.20
N THR A 113 9.14 9.99 -5.81
CA THR A 113 8.37 8.96 -6.47
C THR A 113 6.99 9.49 -6.79
N ILE A 114 6.50 9.22 -7.98
CA ILE A 114 5.08 9.48 -8.34
C ILE A 114 4.40 8.09 -8.45
N VAL A 115 3.29 7.97 -7.75
CA VAL A 115 2.43 6.79 -7.83
C VAL A 115 1.20 7.15 -8.64
N LEU A 116 0.96 6.40 -9.72
CA LEU A 116 -0.27 6.51 -10.49
C LEU A 116 -1.19 5.37 -10.12
N GLN A 117 -2.34 5.69 -9.56
CA GLN A 117 -3.31 4.69 -9.11
C GLN A 117 -4.64 4.94 -9.73
N SER A 118 -5.38 3.86 -10.03
CA SER A 118 -6.71 4.01 -10.58
C SER A 118 -7.52 2.78 -10.30
N GLY A 119 -8.85 2.91 -10.53
CA GLY A 119 -9.63 1.71 -10.83
C GLY A 119 -9.09 1.01 -12.05
N GLU A 120 -9.56 -0.22 -12.29
CA GLU A 120 -9.23 -0.90 -13.53
C GLU A 120 -10.04 -0.29 -14.65
N ASP A 121 -9.54 0.81 -15.21
CA ASP A 121 -10.23 1.64 -16.20
C ASP A 121 -9.64 1.33 -17.55
N PRO A 122 -10.39 0.60 -18.40
CA PRO A 122 -9.85 0.25 -19.75
C PRO A 122 -9.35 1.40 -20.62
N TYR A 123 -9.88 2.60 -20.45
CA TYR A 123 -9.62 3.69 -21.39
C TYR A 123 -8.16 3.90 -21.66
N MET A 125 -5.58 1.89 -21.20
CA MET A 125 -4.68 0.72 -21.17
C MET A 125 -4.46 0.13 -22.55
N PRO A 126 -3.21 -0.11 -22.98
CA PRO A 126 -1.96 0.21 -22.28
C PRO A 126 -1.32 1.51 -22.74
N ASP A 127 -1.68 2.06 -23.86
CA ASP A 127 -0.79 3.05 -24.50
C ASP A 127 -0.83 4.41 -23.84
N VAL A 128 -1.99 4.83 -23.29
CA VAL A 128 -2.03 6.17 -22.68
C VAL A 128 -1.15 6.14 -21.43
N ILE A 129 -1.22 5.06 -20.65
CA ILE A 129 -0.32 4.90 -19.52
C ILE A 129 1.14 4.98 -19.96
N SER A 130 1.52 4.23 -21.00
CA SER A 130 2.88 4.32 -21.46
C SER A 130 3.30 5.75 -21.78
N ASP A 131 2.47 6.48 -22.44
CA ASP A 131 2.82 7.83 -22.84
C ASP A 131 3.03 8.70 -21.57
N ILE A 132 2.13 8.57 -20.59
CA ILE A 132 2.24 9.33 -19.33
C ILE A 132 3.52 8.98 -18.57
N VAL A 133 3.78 7.70 -18.46
CA VAL A 133 4.98 7.22 -17.79
C VAL A 133 6.25 7.81 -18.44
N LYS A 134 6.31 7.80 -19.77
CA LYS A 134 7.51 8.32 -20.44
C LYS A 134 7.67 9.80 -20.06
N GLU A 135 6.60 10.55 -20.07
CA GLU A 135 6.72 11.99 -19.75
C GLU A 135 7.14 12.25 -18.33
N ILE A 136 6.62 11.48 -17.38
CA ILE A 136 6.98 11.67 -15.98
C ILE A 136 8.45 11.26 -15.75
N LYS A 137 8.85 10.17 -16.38
CA LYS A 137 10.23 9.71 -16.22
C LYS A 137 11.27 10.78 -16.67
N LYS A 138 10.90 11.66 -17.57
CA LYS A 138 11.81 12.73 -17.99
C LYS A 138 12.16 13.66 -16.81
N MET A 139 11.30 13.68 -15.76
N MET A 139 11.32 13.67 -15.74
CA MET A 139 11.47 14.54 -14.60
CA MET A 139 11.52 14.52 -14.57
C MET A 139 12.48 13.97 -13.61
C MET A 139 12.49 13.96 -13.59
N GLY A 140 13.02 12.76 -13.87
CA GLY A 140 14.10 12.24 -13.03
C GLY A 140 13.67 11.73 -11.67
N VAL A 141 12.50 11.15 -11.62
CA VAL A 141 11.92 10.53 -10.46
C VAL A 141 11.53 9.10 -10.75
N ALA A 142 11.28 8.35 -9.65
CA ALA A 142 10.71 7.00 -9.78
C ALA A 142 9.21 7.08 -10.11
N VAL A 143 8.77 6.11 -10.89
CA VAL A 143 7.35 5.98 -11.21
C VAL A 143 6.86 4.60 -10.76
N THR A 144 5.79 4.62 -9.96
CA THR A 144 5.12 3.43 -9.46
C THR A 144 3.72 3.39 -10.05
N LEU A 145 3.31 2.23 -10.54
CA LEU A 145 1.94 2.02 -11.04
C LEU A 145 1.15 1.14 -10.10
N SER A 146 -0.14 1.47 -10.00
CA SER A 146 -1.05 0.65 -9.17
C SER A 146 -2.41 0.68 -9.89
N LEU A 147 -2.48 -0.16 -10.96
CA LEU A 147 -3.56 -0.14 -11.92
C LEU A 147 -4.38 -1.45 -11.91
N GLY A 148 -4.04 -2.41 -11.06
CA GLY A 148 -4.75 -3.68 -11.04
C GLY A 148 -4.13 -4.73 -11.95
N GLU A 149 -5.02 -5.69 -12.30
CA GLU A 149 -4.66 -6.88 -13.08
C GLU A 149 -4.85 -6.66 -14.59
N TRP A 150 -3.75 -6.84 -15.33
CA TRP A 150 -3.75 -6.66 -16.77
C TRP A 150 -2.92 -7.76 -17.41
N PRO A 151 -3.03 -7.91 -18.74
CA PRO A 151 -2.15 -8.87 -19.41
C PRO A 151 -0.70 -8.59 -19.25
N ARG A 152 0.14 -9.67 -19.33
CA ARG A 152 1.53 -9.58 -19.37
CA ARG A 152 1.54 -9.52 -19.31
C ARG A 152 2.07 -8.49 -20.31
N GLU A 153 1.48 -8.45 -21.50
CA GLU A 153 1.94 -7.52 -22.51
C GLU A 153 1.80 -6.08 -22.03
N TYR A 154 0.76 -5.78 -21.25
CA TYR A 154 0.61 -4.39 -20.75
C TYR A 154 1.72 -4.06 -19.74
N TYR A 155 1.91 -5.00 -18.82
CA TYR A 155 3.02 -4.84 -17.87
C TYR A 155 4.40 -4.70 -18.51
N GLU A 156 4.61 -5.47 -19.59
CA GLU A 156 5.86 -5.36 -20.36
CA GLU A 156 5.86 -5.36 -20.36
C GLU A 156 6.02 -3.97 -21.03
N LYS A 157 4.94 -3.48 -21.67
CA LYS A 157 4.94 -2.14 -22.30
C LYS A 157 5.29 -1.05 -21.26
N TRP A 158 4.65 -1.19 -20.07
CA TRP A 158 4.85 -0.16 -19.06
C TRP A 158 6.23 -0.16 -18.46
N LYS A 159 6.83 -1.35 -18.38
CA LYS A 159 8.23 -1.46 -17.95
C LYS A 159 9.18 -0.88 -19.06
N GLU A 160 8.91 -1.14 -20.31
CA GLU A 160 9.73 -0.54 -21.39
C GLU A 160 9.58 0.97 -21.40
N ALA A 161 8.38 1.50 -21.03
CA ALA A 161 8.09 2.92 -20.97
C ALA A 161 8.87 3.63 -19.87
N GLY A 162 9.34 2.83 -18.89
CA GLY A 162 10.17 3.34 -17.82
C GLY A 162 9.63 3.15 -16.38
N ALA A 163 8.47 2.51 -16.21
CA ALA A 163 7.97 2.36 -14.87
C ALA A 163 8.95 1.57 -14.03
N ASP A 164 9.11 1.95 -12.78
CA ASP A 164 10.06 1.38 -11.84
C ASP A 164 9.46 0.32 -10.91
N ARG A 165 8.21 0.56 -10.45
CA ARG A 165 7.58 -0.20 -9.43
C ARG A 165 6.14 -0.45 -9.74
N TYR A 166 5.55 -1.51 -9.13
CA TYR A 166 4.12 -1.81 -9.29
C TYR A 166 3.59 -2.29 -7.97
N LEU A 167 2.50 -1.70 -7.54
CA LEU A 167 1.81 -2.10 -6.30
C LEU A 167 0.57 -2.90 -6.67
N LEU A 168 0.49 -4.13 -6.22
CA LEU A 168 -0.66 -4.99 -6.47
C LEU A 168 -0.91 -5.82 -5.21
N ARG A 169 -1.62 -5.18 -4.27
CA ARG A 169 -1.88 -5.91 -3.02
C ARG A 169 -2.48 -7.28 -3.29
N HIS A 170 -2.04 -8.30 -2.58
CA HIS A 170 -2.63 -9.62 -2.82
C HIS A 170 -3.99 -9.72 -2.14
N GLU A 171 -4.36 -8.83 -1.19
CA GLU A 171 -5.66 -8.62 -0.57
C GLU A 171 -5.93 -9.68 0.53
N THR A 172 -5.87 -10.95 0.16
CA THR A 172 -5.98 -12.08 1.08
C THR A 172 -5.37 -13.26 0.40
N ALA A 173 -4.58 -14.03 1.16
CA ALA A 173 -3.91 -15.23 0.62
C ALA A 173 -4.78 -16.47 0.82
N ASN A 174 -5.99 -16.31 1.28
CA ASN A 174 -6.99 -17.46 1.37
C ASN A 174 -7.70 -17.47 0.02
N PRO A 175 -7.47 -18.50 -0.84
CA PRO A 175 -8.06 -18.46 -2.17
C PRO A 175 -9.55 -18.48 -2.20
N VAL A 176 -10.15 -19.13 -1.21
CA VAL A 176 -11.57 -19.24 -1.14
C VAL A 176 -12.19 -17.85 -0.86
N LEU A 177 -11.69 -17.21 0.22
CA LEU A 177 -12.13 -15.87 0.56
C LEU A 177 -11.86 -14.86 -0.58
N HIS A 178 -10.68 -15.03 -1.20
CA HIS A 178 -10.29 -14.12 -2.31
C HIS A 178 -11.36 -14.14 -3.41
N ARG A 179 -11.71 -15.37 -3.84
CA ARG A 179 -12.66 -15.50 -4.96
C ARG A 179 -14.05 -14.99 -4.59
N LYS A 180 -14.47 -15.17 -3.30
CA LYS A 180 -15.73 -14.65 -2.89
C LYS A 180 -15.78 -13.12 -2.89
N LEU A 181 -14.69 -12.50 -2.42
CA LEU A 181 -14.61 -11.03 -2.35
C LEU A 181 -14.33 -10.36 -3.68
N ARG A 182 -13.74 -11.13 -4.60
CA ARG A 182 -13.25 -10.56 -5.85
C ARG A 182 -13.73 -11.49 -7.03
N PRO A 183 -15.02 -11.39 -7.30
CA PRO A 183 -15.67 -12.46 -8.10
C PRO A 183 -15.39 -12.38 -9.55
N ASP A 184 -14.60 -11.38 -10.04
CA ASP A 184 -14.17 -11.35 -11.41
C ASP A 184 -12.87 -12.12 -11.63
N THR A 185 -12.22 -12.57 -10.54
CA THR A 185 -10.89 -13.04 -10.65
C THR A 185 -10.56 -14.07 -9.55
N SER A 186 -9.29 -14.23 -9.23
CA SER A 186 -8.88 -15.29 -8.25
C SER A 186 -7.57 -14.95 -7.64
N PHE A 187 -7.23 -15.62 -6.56
CA PHE A 187 -5.92 -15.51 -5.96
C PHE A 187 -4.86 -15.99 -6.92
N GLU A 188 -5.17 -17.10 -7.66
CA GLU A 188 -4.19 -17.60 -8.60
C GLU A 188 -3.81 -16.52 -9.66
N ASN A 189 -4.86 -15.83 -10.17
N ASN A 189 -4.87 -15.84 -10.19
CA ASN A 189 -4.57 -14.75 -11.10
CA ASN A 189 -4.65 -14.74 -11.14
C ASN A 189 -3.75 -13.59 -10.48
C ASN A 189 -3.77 -13.60 -10.49
N ARG A 190 -4.10 -13.24 -9.26
CA ARG A 190 -3.41 -12.17 -8.58
C ARG A 190 -1.95 -12.49 -8.37
N LEU A 191 -1.72 -13.76 -7.92
CA LEU A 191 -0.35 -14.21 -7.77
C LEU A 191 0.42 -14.25 -9.07
N ASN A 192 -0.25 -14.78 -10.12
CA ASN A 192 0.40 -14.79 -11.42
C ASN A 192 0.84 -13.38 -11.90
N CYS A 193 -0.05 -12.40 -11.65
CA CYS A 193 0.35 -11.01 -11.95
C CYS A 193 1.57 -10.55 -11.16
N LEU A 194 1.56 -10.84 -9.83
CA LEU A 194 2.70 -10.47 -8.99
C LEU A 194 4.03 -11.13 -9.43
N LEU A 195 3.92 -12.43 -9.82
CA LEU A 195 5.10 -13.15 -10.31
C LEU A 195 5.58 -12.60 -11.61
N THR A 196 4.65 -12.23 -12.52
CA THR A 196 5.01 -11.60 -13.80
C THR A 196 5.73 -10.29 -13.58
N LEU A 197 5.19 -9.47 -12.65
CA LEU A 197 5.77 -8.16 -12.35
C LEU A 197 7.23 -8.31 -11.84
N LYS A 198 7.42 -9.28 -10.92
N LYS A 198 7.41 -9.28 -10.92
CA LYS A 198 8.78 -9.63 -10.45
CA LYS A 198 8.76 -9.61 -10.47
C LYS A 198 9.73 -10.07 -11.58
C LYS A 198 9.72 -10.08 -11.57
N GLU A 199 9.21 -10.93 -12.47
CA GLU A 199 10.06 -11.39 -13.58
C GLU A 199 10.45 -10.29 -14.52
N LEU A 200 9.55 -9.29 -14.71
CA LEU A 200 9.79 -8.19 -15.62
C LEU A 200 10.77 -7.15 -15.04
N GLY A 201 11.13 -7.31 -13.76
CA GLY A 201 12.12 -6.45 -13.09
C GLY A 201 11.53 -5.28 -12.34
N TYR A 202 10.18 -5.24 -12.14
CA TYR A 202 9.59 -4.22 -11.26
C TYR A 202 10.01 -4.46 -9.82
N GLU A 203 10.22 -3.37 -9.07
N GLU A 203 10.28 -3.39 -9.01
CA GLU A 203 10.07 -3.49 -7.64
CA GLU A 203 10.08 -3.44 -7.54
C GLU A 203 8.58 -3.71 -7.38
C GLU A 203 8.59 -3.66 -7.28
N THR A 204 8.27 -4.80 -6.67
CA THR A 204 6.89 -5.29 -6.61
C THR A 204 6.34 -5.20 -5.25
N GLY A 205 5.14 -4.62 -5.10
CA GLY A 205 4.50 -4.53 -3.83
C GLY A 205 3.26 -5.39 -3.73
N ALA A 206 3.12 -6.02 -2.60
CA ALA A 206 1.93 -6.79 -2.25
C ALA A 206 1.31 -6.29 -0.98
N GLY A 207 0.60 -7.10 -0.22
CA GLY A 207 -0.02 -6.66 0.94
C GLY A 207 -1.51 -6.97 1.03
N SER A 208 -2.12 -6.79 2.16
CA SER A 208 -3.44 -7.30 2.43
C SER A 208 -4.21 -6.44 3.32
N MET A 209 -5.53 -6.66 3.32
CA MET A 209 -6.42 -6.00 4.28
C MET A 209 -6.57 -6.90 5.54
N VAL A 210 -6.83 -6.24 6.63
CA VAL A 210 -7.00 -6.89 7.91
C VAL A 210 -8.40 -6.60 8.41
N GLY A 211 -9.11 -7.69 8.81
CA GLY A 211 -10.47 -7.53 9.34
C GLY A 211 -11.56 -7.70 8.27
N LEU A 212 -11.17 -8.35 7.13
CA LEU A 212 -12.18 -8.71 6.11
C LEU A 212 -13.25 -9.62 6.74
N PRO A 213 -14.50 -9.49 6.28
CA PRO A 213 -15.49 -10.45 6.78
C PRO A 213 -15.13 -11.88 6.45
N GLY A 214 -15.16 -12.75 7.45
CA GLY A 214 -14.76 -14.12 7.29
C GLY A 214 -13.31 -14.48 7.39
N GLN A 215 -12.45 -13.42 7.53
CA GLN A 215 -11.04 -13.66 7.60
C GLN A 215 -10.64 -14.05 9.04
N THR A 216 -9.83 -15.05 9.23
CA THR A 216 -9.46 -15.53 10.55
C THR A 216 -8.04 -15.13 10.91
N ILE A 217 -7.64 -15.39 12.13
CA ILE A 217 -6.24 -15.21 12.56
C ILE A 217 -5.36 -16.14 11.77
N ASP A 218 -5.77 -17.40 11.49
CA ASP A 218 -4.91 -18.24 10.69
C ASP A 218 -4.74 -17.67 9.23
N ASP A 219 -5.76 -16.99 8.77
CA ASP A 219 -5.61 -16.34 7.45
C ASP A 219 -4.55 -15.22 7.46
N LEU A 220 -4.53 -14.46 8.55
CA LEU A 220 -3.48 -13.41 8.72
C LEU A 220 -2.12 -14.00 8.78
N VAL A 221 -1.94 -15.16 9.50
CA VAL A 221 -0.68 -15.84 9.48
C VAL A 221 -0.25 -16.21 8.07
N ASP A 222 -1.22 -16.78 7.28
CA ASP A 222 -0.91 -17.13 5.93
C ASP A 222 -0.52 -15.93 5.07
N ASP A 223 -1.13 -14.75 5.38
CA ASP A 223 -0.67 -13.47 4.68
C ASP A 223 0.76 -13.19 4.99
N LEU A 224 1.15 -13.28 6.27
CA LEU A 224 2.55 -13.03 6.63
C LEU A 224 3.52 -14.02 5.94
N LEU A 225 3.12 -15.32 5.93
CA LEU A 225 4.01 -16.34 5.33
C LEU A 225 4.13 -16.19 3.81
N PHE A 226 2.99 -15.76 3.23
CA PHE A 226 3.00 -15.45 1.79
C PHE A 226 3.98 -14.32 1.40
N LEU A 227 3.90 -13.29 2.21
CA LEU A 227 4.77 -12.14 2.03
C LEU A 227 6.22 -12.53 2.21
N LYS A 228 6.51 -13.30 3.25
CA LYS A 228 7.89 -13.72 3.47
C LYS A 228 8.31 -14.63 2.31
N GLU A 229 7.50 -15.56 1.86
CA GLU A 229 7.89 -16.52 0.80
C GLU A 229 8.41 -15.79 -0.43
N HIS A 230 7.66 -14.74 -0.82
CA HIS A 230 7.93 -14.03 -2.14
C HIS A 230 8.83 -12.83 -1.98
N ASP A 231 9.17 -12.45 -0.78
CA ASP A 231 10.20 -11.45 -0.59
C ASP A 231 9.88 -10.14 -1.29
N PHE A 232 8.69 -9.67 -1.12
CA PHE A 232 8.27 -8.51 -1.85
C PHE A 232 9.09 -7.27 -1.39
N ASP A 233 9.23 -6.38 -2.39
CA ASP A 233 9.97 -5.11 -2.15
C ASP A 233 9.18 -4.14 -1.29
N MET A 234 7.85 -4.11 -1.43
N MET A 234 7.86 -4.13 -1.46
CA MET A 234 6.97 -3.21 -0.69
CA MET A 234 6.98 -3.28 -0.68
C MET A 234 5.79 -4.04 -0.18
C MET A 234 5.81 -4.10 -0.16
N VAL A 235 5.27 -3.70 0.98
CA VAL A 235 4.14 -4.37 1.57
C VAL A 235 3.15 -3.33 2.09
N GLY A 236 1.99 -3.21 1.47
CA GLY A 236 0.93 -2.28 1.92
C GLY A 236 -0.14 -2.98 2.68
N ILE A 237 -0.33 -2.60 3.97
CA ILE A 237 -1.29 -3.25 4.83
C ILE A 237 -2.18 -2.17 5.43
N GLY A 238 -3.47 -2.44 5.48
CA GLY A 238 -4.39 -1.59 6.18
C GLY A 238 -5.63 -2.35 6.63
N PRO A 239 -6.45 -1.70 7.42
CA PRO A 239 -7.71 -2.32 7.83
C PRO A 239 -8.70 -2.28 6.67
N PHE A 240 -9.60 -3.30 6.70
CA PHE A 240 -10.85 -3.19 5.92
C PHE A 240 -11.75 -2.11 6.56
N ILE A 241 -12.24 -1.20 5.71
CA ILE A 241 -13.15 -0.15 6.14
C ILE A 241 -14.45 -0.28 5.33
N PRO A 242 -15.59 -0.63 5.97
CA PRO A 242 -16.79 -0.86 5.19
CA PRO A 242 -16.80 -0.84 5.21
C PRO A 242 -17.29 0.40 4.51
N HIS A 243 -17.79 0.19 3.25
CA HIS A 243 -18.28 1.29 2.47
C HIS A 243 -19.82 1.12 2.31
N PRO A 244 -20.58 2.17 2.53
CA PRO A 244 -22.07 2.05 2.62
C PRO A 244 -22.69 1.66 1.31
N ASP A 245 -22.07 1.85 0.15
CA ASP A 245 -22.61 1.51 -1.14
C ASP A 245 -22.06 0.22 -1.71
N THR A 246 -21.76 -0.73 -0.84
CA THR A 246 -21.23 -1.98 -1.17
C THR A 246 -21.97 -3.11 -0.41
N PRO A 247 -21.79 -4.35 -0.84
CA PRO A 247 -22.43 -5.47 -0.14
C PRO A 247 -21.93 -5.65 1.26
N LEU A 248 -20.75 -5.09 1.60
CA LEU A 248 -20.12 -5.26 2.90
C LEU A 248 -20.42 -4.11 3.85
N ALA A 249 -21.34 -3.24 3.53
CA ALA A 249 -21.67 -2.03 4.24
C ALA A 249 -21.84 -2.26 5.76
N ASN A 250 -22.47 -3.41 6.11
CA ASN A 250 -22.84 -3.65 7.53
C ASN A 250 -21.88 -4.54 8.23
N GLU A 251 -20.70 -4.75 7.66
CA GLU A 251 -19.70 -5.57 8.27
C GLU A 251 -18.82 -4.73 9.22
N LYS A 252 -18.10 -5.38 10.13
CA LYS A 252 -17.25 -4.66 11.12
C LYS A 252 -15.97 -4.17 10.44
N LYS A 253 -15.52 -2.99 10.82
N LYS A 253 -15.56 -2.97 10.81
CA LYS A 253 -14.21 -2.48 10.37
CA LYS A 253 -14.27 -2.45 10.43
C LYS A 253 -13.11 -3.31 11.00
C LYS A 253 -13.13 -3.27 11.00
N GLY A 254 -11.99 -3.34 10.31
CA GLY A 254 -10.81 -3.98 10.86
C GLY A 254 -10.27 -3.26 12.09
N ASP A 255 -9.70 -4.05 12.97
CA ASP A 255 -9.15 -3.52 14.22
C ASP A 255 -7.79 -2.84 13.97
N PHE A 256 -7.65 -1.65 14.48
CA PHE A 256 -6.39 -0.90 14.30
C PHE A 256 -5.22 -1.63 14.91
N THR A 257 -5.32 -2.06 16.17
CA THR A 257 -4.20 -2.69 16.85
C THR A 257 -3.75 -3.96 16.17
N LEU A 258 -4.72 -4.82 15.74
CA LEU A 258 -4.37 -6.02 15.04
C LEU A 258 -3.61 -5.71 13.71
N THR A 259 -4.16 -4.70 13.03
CA THR A 259 -3.53 -4.27 11.73
C THR A 259 -2.10 -3.78 12.00
N LEU A 260 -1.93 -3.02 13.08
CA LEU A 260 -0.60 -2.50 13.44
C LEU A 260 0.37 -3.68 13.76
N LYS A 261 -0.14 -4.75 14.42
CA LYS A 261 0.66 -5.91 14.63
C LYS A 261 1.09 -6.59 13.37
N MET A 262 0.22 -6.58 12.34
CA MET A 262 0.56 -7.14 11.06
C MET A 262 1.67 -6.31 10.42
N VAL A 263 1.60 -4.95 10.54
CA VAL A 263 2.69 -4.13 10.03
C VAL A 263 4.03 -4.43 10.75
N ALA A 264 3.95 -4.54 12.08
CA ALA A 264 5.15 -4.82 12.86
C ALA A 264 5.75 -6.17 12.48
N LEU A 265 4.90 -7.19 12.40
CA LEU A 265 5.43 -8.51 11.99
C LEU A 265 6.02 -8.56 10.61
N THR A 266 5.39 -7.77 9.69
CA THR A 266 5.92 -7.66 8.31
C THR A 266 7.35 -7.10 8.34
N ARG A 267 7.55 -6.03 9.15
CA ARG A 267 8.94 -5.50 9.25
C ARG A 267 9.90 -6.53 9.84
N ILE A 268 9.45 -7.23 10.88
CA ILE A 268 10.34 -8.28 11.48
C ILE A 268 10.70 -9.33 10.47
N LEU A 269 9.70 -9.76 9.68
CA LEU A 269 9.91 -10.79 8.64
C LEU A 269 10.72 -10.36 7.46
N LEU A 270 10.52 -9.11 7.03
CA LEU A 270 11.12 -8.51 5.86
C LEU A 270 11.83 -7.24 6.25
N PRO A 271 12.99 -7.37 6.94
CA PRO A 271 13.56 -6.21 7.56
C PRO A 271 14.00 -5.11 6.67
N ASP A 272 14.34 -5.43 5.45
CA ASP A 272 14.81 -4.46 4.44
C ASP A 272 13.79 -4.01 3.46
N SER A 273 12.52 -4.27 3.71
CA SER A 273 11.48 -3.90 2.79
C SER A 273 11.00 -2.47 3.01
N ASN A 274 10.26 -1.97 2.02
CA ASN A 274 9.57 -0.66 2.10
C ASN A 274 8.14 -0.90 2.51
N ILE A 275 7.70 -0.26 3.62
CA ILE A 275 6.41 -0.53 4.24
C ILE A 275 5.74 0.83 4.50
N PRO A 276 4.61 1.15 3.78
CA PRO A 276 3.92 2.39 4.06
C PRO A 276 3.11 2.36 5.32
N ALA A 277 2.90 3.56 5.88
CA ALA A 277 1.91 3.86 6.88
C ALA A 277 0.68 4.34 6.07
N THR A 278 -0.29 3.45 5.84
CA THR A 278 -1.32 3.71 4.86
C THR A 278 -2.36 4.67 5.29
N THR A 279 -2.96 5.33 4.29
CA THR A 279 -4.05 6.26 4.58
C THR A 279 -5.16 5.60 5.37
N ALA A 280 -5.49 4.32 5.09
CA ALA A 280 -6.55 3.66 5.84
C ALA A 280 -6.23 3.65 7.31
N MET A 281 -4.96 3.46 7.69
CA MET A 281 -4.59 3.49 9.13
C MET A 281 -4.86 4.87 9.72
N GLY A 282 -4.66 5.92 8.98
CA GLY A 282 -4.99 7.26 9.50
C GLY A 282 -6.45 7.65 9.45
N THR A 283 -7.21 6.88 8.70
CA THR A 283 -8.68 7.05 8.66
C THR A 283 -9.33 6.41 9.84
N ILE A 284 -8.98 5.21 10.22
CA ILE A 284 -9.69 4.59 11.33
C ILE A 284 -9.31 5.10 12.67
N VAL A 285 -8.09 5.67 12.84
CA VAL A 285 -7.67 6.24 14.11
C VAL A 285 -7.00 7.56 13.85
N PRO A 286 -7.39 8.66 14.48
CA PRO A 286 -6.67 9.93 14.33
C PRO A 286 -5.20 9.72 14.75
N GLY A 287 -4.32 10.15 13.86
CA GLY A 287 -2.90 9.93 14.07
C GLY A 287 -2.40 8.52 13.81
N GLY A 288 -3.21 7.72 13.13
CA GLY A 288 -2.82 6.34 12.87
C GLY A 288 -1.60 6.15 11.98
N ARG A 289 -1.36 7.08 11.00
CA ARG A 289 -0.15 6.91 10.19
C ARG A 289 1.11 7.14 11.01
N GLU A 290 1.07 8.16 11.89
CA GLU A 290 2.20 8.45 12.72
C GLU A 290 2.55 7.29 13.63
N ILE A 291 1.52 6.68 14.22
CA ILE A 291 1.74 5.47 15.05
C ILE A 291 2.44 4.40 14.19
N THR A 292 1.91 4.18 12.98
CA THR A 292 2.38 3.10 12.14
C THR A 292 3.82 3.30 11.75
N LEU A 293 4.24 4.58 11.48
CA LEU A 293 5.64 4.91 11.18
C LEU A 293 6.53 4.61 12.36
N ARG A 294 6.01 4.47 13.59
CA ARG A 294 6.79 4.13 14.76
C ARG A 294 6.70 2.68 15.15
N CYS A 295 6.09 1.84 14.31
CA CYS A 295 5.88 0.45 14.58
C CYS A 295 6.32 -0.42 13.39
N GLY A 296 7.22 0.12 12.54
CA GLY A 296 7.80 -0.64 11.49
C GLY A 296 7.74 0.01 10.12
N ALA A 297 6.85 0.95 9.88
CA ALA A 297 6.73 1.57 8.56
C ALA A 297 7.79 2.62 8.32
N ASN A 298 8.11 2.82 7.05
CA ASN A 298 9.15 3.77 6.64
C ASN A 298 8.80 4.56 5.36
N VAL A 299 7.54 4.50 4.93
CA VAL A 299 7.07 5.16 3.71
C VAL A 299 5.73 5.86 4.07
N ILE A 300 5.51 7.00 3.40
CA ILE A 300 4.23 7.69 3.49
C ILE A 300 3.82 8.11 2.11
N MET A 301 2.49 8.09 1.84
N MET A 301 2.50 8.09 1.88
CA MET A 301 1.97 8.31 0.54
CA MET A 301 1.95 8.34 0.57
C MET A 301 0.96 9.51 0.53
C MET A 301 0.94 9.50 0.59
N PRO A 302 1.43 10.73 0.56
CA PRO A 302 0.50 11.87 0.58
C PRO A 302 -0.39 11.85 -0.67
N ASN A 303 -1.65 12.22 -0.46
N ASN A 303 -1.66 12.23 -0.47
CA ASN A 303 -2.60 12.26 -1.57
CA ASN A 303 -2.59 12.26 -1.58
C ASN A 303 -2.32 13.51 -2.42
C ASN A 303 -2.34 13.50 -2.42
N TRP A 304 -2.06 13.31 -3.70
CA TRP A 304 -1.79 14.40 -4.61
C TRP A 304 -2.85 14.47 -5.69
N THR A 305 -3.98 13.82 -5.53
CA THR A 305 -5.07 13.91 -6.53
C THR A 305 -5.65 15.34 -6.44
N PRO A 306 -5.82 15.97 -7.62
CA PRO A 306 -6.36 17.37 -7.56
C PRO A 306 -7.81 17.40 -7.22
N SER A 307 -8.28 18.51 -6.64
CA SER A 307 -9.73 18.82 -6.66
C SER A 307 -10.09 19.13 -8.13
N PRO A 308 -11.32 18.78 -8.61
CA PRO A 308 -12.41 18.30 -7.81
C PRO A 308 -12.51 16.84 -7.70
N TYR A 309 -11.50 16.10 -8.16
CA TYR A 309 -11.52 14.64 -8.29
C TYR A 309 -11.20 13.91 -6.97
N ARG A 310 -10.33 14.54 -6.16
CA ARG A 310 -9.90 13.84 -4.95
C ARG A 310 -11.04 13.29 -4.16
N GLN A 311 -12.11 14.10 -3.95
CA GLN A 311 -13.21 13.68 -3.09
C GLN A 311 -14.05 12.58 -3.72
N LEU A 312 -13.83 12.26 -5.01
CA LEU A 312 -14.58 11.21 -5.69
C LEU A 312 -13.91 9.85 -5.69
N TYR A 313 -12.67 9.77 -5.19
CA TYR A 313 -11.93 8.50 -5.14
C TYR A 313 -12.23 7.83 -3.79
N GLN A 314 -13.54 7.40 -3.71
CA GLN A 314 -14.18 7.00 -2.45
C GLN A 314 -14.06 5.49 -2.23
N LEU A 315 -12.89 4.91 -2.11
CA LEU A 315 -12.70 3.43 -1.96
C LEU A 315 -13.38 2.98 -0.67
N TYR A 316 -13.29 3.85 0.35
CA TYR A 316 -13.85 3.68 1.64
C TYR A 316 -14.23 5.06 2.13
N PRO A 317 -15.17 5.17 3.02
CA PRO A 317 -15.61 6.46 3.59
C PRO A 317 -14.62 7.05 4.60
N GLY A 318 -14.74 8.39 4.71
CA GLY A 318 -14.05 9.10 5.77
C GLY A 318 -12.63 9.29 5.45
N LYS A 319 -12.27 9.15 4.25
CA LYS A 319 -10.84 9.25 3.87
C LYS A 319 -10.26 10.63 4.18
N ILE A 320 -9.06 10.67 4.81
CA ILE A 320 -8.52 11.96 5.24
C ILE A 320 -7.84 12.69 4.02
N SER A 321 -7.49 13.92 4.22
CA SER A 321 -6.84 14.78 3.25
C SER A 321 -7.78 15.41 2.17
N VAL A 322 -9.09 15.29 2.36
CA VAL A 322 -10.04 15.81 1.37
C VAL A 322 -10.44 17.24 1.63
N PHE A 323 -10.49 17.75 2.81
CA PHE A 323 -10.98 19.10 3.05
C PHE A 323 -9.92 20.24 2.88
N GLU A 324 -8.74 19.97 2.71
CA GLU A 324 -7.68 20.92 2.63
C GLU A 324 -7.36 21.20 1.16
N LYS A 325 -6.57 22.24 0.97
CA LYS A 325 -6.12 22.52 -0.39
C LYS A 325 -5.32 21.35 -0.87
N ASP A 326 -5.37 21.14 -2.17
CA ASP A 326 -4.85 19.95 -2.79
C ASP A 326 -3.32 19.92 -2.80
N THR A 327 -2.62 20.96 -2.40
CA THR A 327 -1.21 20.96 -2.32
C THR A 327 -0.80 20.83 -0.80
N ALA A 328 -1.70 20.66 0.11
CA ALA A 328 -1.35 20.60 1.49
C ALA A 328 -0.57 19.31 1.87
N SER A 329 -0.82 18.21 1.20
CA SER A 329 -0.36 16.93 1.76
C SER A 329 1.13 16.73 1.80
N ILE A 330 1.90 17.21 0.78
CA ILE A 330 3.32 17.04 0.79
C ILE A 330 3.94 17.87 1.95
N PRO A 331 3.60 19.18 2.09
CA PRO A 331 4.08 19.90 3.26
C PRO A 331 3.67 19.25 4.56
N SER A 332 2.43 18.74 4.63
N SER A 332 2.43 18.78 4.68
CA SER A 332 1.98 18.17 5.87
CA SER A 332 2.00 18.18 5.93
C SER A 332 2.80 16.95 6.27
C SER A 332 2.83 16.95 6.28
N VAL A 333 3.15 16.08 5.30
CA VAL A 333 3.97 14.91 5.62
C VAL A 333 5.39 15.33 5.91
N MET A 334 5.91 16.39 5.35
CA MET A 334 7.21 16.82 5.72
CA MET A 334 7.23 16.93 5.69
C MET A 334 7.26 17.31 7.20
N LYS A 335 6.21 17.99 7.62
CA LYS A 335 6.09 18.36 9.05
C LYS A 335 6.00 17.12 9.90
N MET A 336 5.18 16.13 9.47
CA MET A 336 5.02 14.88 10.21
C MET A 336 6.38 14.22 10.42
N ILE A 337 7.15 14.08 9.34
CA ILE A 337 8.42 13.43 9.42
C ILE A 337 9.32 14.15 10.44
N GLU A 338 9.34 15.47 10.42
CA GLU A 338 10.17 16.23 11.41
C GLU A 338 9.69 16.00 12.82
N LEU A 339 8.37 16.09 13.05
CA LEU A 339 7.91 15.99 14.47
C LEU A 339 8.09 14.58 14.98
N LEU A 340 8.19 13.59 14.08
CA LEU A 340 8.52 12.22 14.47
C LEU A 340 10.02 12.04 14.72
N GLY A 341 10.86 13.03 14.52
CA GLY A 341 12.28 12.88 14.66
C GLY A 341 12.91 12.06 13.59
N ARG A 342 12.36 12.09 12.41
CA ARG A 342 12.79 11.35 11.24
C ARG A 342 13.31 12.29 10.16
N LYS A 343 13.72 11.80 9.00
CA LYS A 343 14.30 12.59 7.94
C LYS A 343 13.66 12.32 6.62
N PRO A 344 13.46 13.26 5.66
CA PRO A 344 12.84 12.87 4.38
C PRO A 344 13.93 12.04 3.54
N GLY A 345 13.42 11.18 2.72
CA GLY A 345 14.25 10.45 1.82
C GLY A 345 15.04 11.32 0.93
N ARG A 346 16.29 10.94 0.68
CA ARG A 346 17.20 11.72 -0.12
C ARG A 346 17.32 11.27 -1.57
N ASP A 347 16.94 10.08 -1.83
CA ASP A 347 17.00 9.47 -3.17
C ASP A 347 15.64 8.92 -3.52
N TRP A 348 15.49 8.03 -4.45
CA TRP A 348 14.17 7.52 -4.85
C TRP A 348 13.60 6.58 -3.82
N GLY A 349 14.38 6.17 -2.81
CA GLY A 349 13.87 5.22 -1.84
C GLY A 349 13.58 3.84 -2.35
N GLY A 350 14.37 3.34 -3.31
CA GLY A 350 14.25 1.99 -3.77
C GLY A 350 14.71 1.04 -2.69
N ARG A 351 14.32 -0.22 -2.82
CA ARG A 351 14.71 -1.22 -1.81
C ARG A 351 16.25 -1.37 -1.77
N LYS A 352 16.81 -1.36 -0.62
CA LYS A 352 18.30 -1.54 -0.39
C LYS A 352 18.48 -2.83 0.38
N ARG A 353 18.68 -3.91 -0.36
CA ARG A 353 18.73 -5.23 0.25
C ARG A 353 19.90 -5.40 1.13
N VAL A 354 19.66 -6.00 2.28
CA VAL A 354 20.71 -6.42 3.22
C VAL A 354 20.70 -7.94 3.18
N PHE A 355 21.67 -8.53 2.50
CA PHE A 355 21.75 -10.00 2.37
C PHE A 355 22.16 -10.61 3.70
N GLU A 356 21.44 -11.61 4.10
CA GLU A 356 21.78 -12.21 5.36
C GLU A 356 21.70 -13.66 5.31
N THR A 357 21.60 -14.28 6.48
CA THR A 357 21.62 -15.79 6.62
C THR A 357 20.15 -16.21 7.08
#